data_8GY4
#
_entry.id   8GY4
#
_cell.length_a   120.452
_cell.length_b   120.452
_cell.length_c   88.124
_cell.angle_alpha   90.000
_cell.angle_beta   90.000
_cell.angle_gamma   90.000
#
_symmetry.space_group_name_H-M   'P 42 21 2'
#
loop_
_entity.id
_entity.type
_entity.pdbx_description
1 polymer Methyltransferase
2 water water
#
_entity_poly.entity_id   1
_entity_poly.type   'polypeptide(L)'
_entity_poly.pdbx_seq_one_letter_code
;GPLGSEVYKGDGYKVWKLEPSLGDPLELGRKTKTEMNAMTHDEFDRMKYRGVVAEVYSGDKPSKGYDKLRVLLDLMDRPR
LGTTVDLCAGRGGWSELVKDLEGPKGITAVSLWERGKEEWMADPAIHRINANVKHLRPWQVDTLLFDGGEAFKRDQNLRK
EENFNDSLLDAVDAWMMQPVPPRNFVIKIQVPYTQKAIALLEKWQVKTGKGRLVRLAGDRLSNTVMYFLSVRLETQIRGR
VTTFVRELAERRKDRSLTADPSLQYERVEPQWTEEAR
;
_entity_poly.pdbx_strand_id   B,A
#
# COMPACT_ATOMS: atom_id res chain seq x y z
N GLU A 6 11.27 -11.14 9.48
CA GLU A 6 10.44 -12.09 10.21
C GLU A 6 8.96 -11.74 10.04
N VAL A 7 8.44 -10.93 10.96
CA VAL A 7 7.12 -10.35 10.77
C VAL A 7 7.11 -9.34 9.62
N TYR A 8 8.30 -8.96 9.10
CA TYR A 8 8.39 -8.16 7.89
C TYR A 8 8.22 -9.02 6.64
N LYS A 9 8.79 -10.20 6.67
CA LYS A 9 8.82 -11.11 5.54
C LYS A 9 7.45 -11.51 5.06
N GLY A 10 6.54 -11.71 5.97
CA GLY A 10 5.22 -12.15 5.60
C GLY A 10 4.33 -11.13 4.95
N ASP A 11 3.31 -11.64 4.27
CA ASP A 11 2.30 -10.81 3.68
C ASP A 11 1.21 -11.09 4.68
N GLY A 12 0.71 -10.08 5.37
CA GLY A 12 1.12 -8.72 5.22
C GLY A 12 -0.18 -8.18 4.73
N TYR A 13 -0.24 -6.89 4.49
CA TYR A 13 -1.44 -6.31 3.97
C TYR A 13 -1.26 -6.07 2.49
N LYS A 14 -0.19 -6.59 1.92
CA LYS A 14 0.10 -6.45 0.50
C LYS A 14 -0.91 -7.14 -0.42
N VAL A 15 -1.32 -8.32 -0.01
CA VAL A 15 -2.20 -9.15 -0.75
C VAL A 15 -3.36 -9.63 0.06
N TRP A 16 -4.45 -9.91 -0.59
CA TRP A 16 -5.60 -10.50 0.07
C TRP A 16 -5.27 -11.91 0.52
N LYS A 17 -5.84 -12.33 1.64
CA LYS A 17 -5.75 -13.75 1.94
C LYS A 17 -6.89 -14.44 1.19
N LEU A 18 -6.53 -15.48 0.46
CA LEU A 18 -7.44 -16.20 -0.44
C LEU A 18 -7.26 -17.67 -0.11
N GLU A 19 -7.99 -18.13 0.86
CA GLU A 19 -8.12 -19.55 1.12
C GLU A 19 -9.18 -20.11 0.17
N PRO A 20 -9.07 -21.37 -0.23
CA PRO A 20 -10.03 -21.90 -1.19
C PRO A 20 -11.42 -22.02 -0.58
N SER A 21 -12.44 -21.90 -1.44
CA SER A 21 -13.82 -22.08 -1.02
C SER A 21 -14.60 -22.71 -2.14
N LEU A 22 -15.85 -23.04 -1.84
CA LEU A 22 -16.69 -23.76 -2.80
C LEU A 22 -17.31 -22.78 -3.78
N GLY A 23 -17.53 -23.24 -5.00
CA GLY A 23 -18.17 -22.43 -6.02
C GLY A 23 -17.60 -22.60 -7.41
N ASP A 24 -18.39 -22.21 -8.40
CA ASP A 24 -17.95 -22.16 -9.79
C ASP A 24 -17.34 -20.79 -10.06
N PRO A 25 -16.02 -20.68 -10.28
CA PRO A 25 -15.44 -19.35 -10.49
C PRO A 25 -15.91 -18.69 -11.78
N LEU A 26 -16.20 -19.47 -12.82
CA LEU A 26 -16.68 -18.87 -14.06
C LEU A 26 -18.00 -18.16 -13.85
N GLU A 27 -18.93 -18.81 -13.12
CA GLU A 27 -20.27 -18.23 -13.00
C GLU A 27 -20.28 -17.04 -12.03
N LEU A 28 -19.58 -17.15 -10.91
CA LEU A 28 -19.48 -16.00 -10.02
C LEU A 28 -18.70 -14.86 -10.66
N GLY A 29 -17.71 -15.19 -11.50
CA GLY A 29 -17.00 -14.16 -12.23
C GLY A 29 -17.88 -13.45 -13.25
N ARG A 30 -18.64 -14.21 -14.02
CA ARG A 30 -19.57 -13.59 -14.96
C ARG A 30 -20.68 -12.84 -14.24
N LYS A 31 -21.06 -13.31 -13.06
CA LYS A 31 -22.15 -12.68 -12.31
C LYS A 31 -21.79 -11.26 -11.90
N THR A 32 -20.60 -11.08 -11.31
CA THR A 32 -20.19 -9.75 -10.87
C THR A 32 -19.75 -8.86 -12.03
N LYS A 33 -19.31 -9.47 -13.14
CA LYS A 33 -19.06 -8.66 -14.34
C LYS A 33 -20.36 -8.07 -14.88
N THR A 34 -21.42 -8.87 -14.92
CA THR A 34 -22.72 -8.40 -15.37
C THR A 34 -23.24 -7.31 -14.44
N GLU A 35 -23.22 -7.58 -13.13
CA GLU A 35 -23.62 -6.58 -12.15
C GLU A 35 -22.85 -5.27 -12.36
N MET A 36 -21.53 -5.36 -12.48
CA MET A 36 -20.76 -4.13 -12.68
C MET A 36 -21.16 -3.42 -13.96
N ASN A 37 -21.37 -4.18 -15.04
CA ASN A 37 -21.77 -3.56 -16.30
C ASN A 37 -23.07 -2.79 -16.15
N ALA A 38 -23.95 -3.23 -15.26
CA ALA A 38 -25.25 -2.62 -15.06
C ALA A 38 -25.24 -1.46 -14.06
N MET A 39 -24.21 -1.36 -13.21
CA MET A 39 -24.08 -0.27 -12.25
C MET A 39 -24.27 1.08 -12.94
N THR A 40 -24.86 2.02 -12.20
CA THR A 40 -25.01 3.36 -12.73
C THR A 40 -23.67 4.09 -12.73
N HIS A 41 -23.71 5.32 -13.24
CA HIS A 41 -22.52 6.15 -13.27
C HIS A 41 -21.97 6.40 -11.87
N ASP A 42 -22.86 6.66 -10.91
CA ASP A 42 -22.40 6.87 -9.55
C ASP A 42 -21.75 5.61 -9.00
N GLU A 43 -22.48 4.49 -9.01
CA GLU A 43 -21.98 3.23 -8.46
C GLU A 43 -20.62 2.85 -9.05
N PHE A 44 -20.49 2.95 -10.37
CA PHE A 44 -19.28 2.46 -11.03
C PHE A 44 -18.08 3.28 -10.63
N ASP A 45 -18.17 4.59 -10.87
CA ASP A 45 -17.08 5.50 -10.53
C ASP A 45 -16.74 5.43 -9.04
N ARG A 46 -17.77 5.44 -8.17
CA ARG A 46 -17.61 5.40 -6.72
C ARG A 46 -16.88 4.17 -6.24
N MET A 47 -16.76 3.17 -7.09
CA MET A 47 -16.09 1.93 -6.76
C MET A 47 -14.89 1.66 -7.67
N LYS A 48 -14.76 2.40 -8.76
CA LYS A 48 -13.59 2.31 -9.64
C LYS A 48 -12.32 2.78 -8.93
N SER A 63 3.75 3.17 -16.59
CA SER A 63 4.85 3.70 -15.78
C SER A 63 4.42 3.70 -14.33
N LYS A 64 3.12 3.52 -14.14
CA LYS A 64 2.56 3.26 -12.82
C LYS A 64 2.92 1.86 -12.32
N GLY A 65 3.25 0.95 -13.24
CA GLY A 65 3.61 -0.41 -12.90
C GLY A 65 5.02 -0.56 -12.38
N TYR A 66 5.85 0.47 -12.53
CA TYR A 66 7.15 0.48 -11.86
C TYR A 66 6.99 0.09 -10.40
N ASP A 67 6.17 0.84 -9.66
CA ASP A 67 6.00 0.57 -8.23
C ASP A 67 5.34 -0.79 -8.02
N LYS A 68 4.40 -1.16 -8.86
CA LYS A 68 3.67 -2.39 -8.60
C LYS A 68 4.58 -3.61 -8.77
N LEU A 69 5.47 -3.60 -9.76
CA LEU A 69 6.40 -4.72 -9.92
C LEU A 69 7.40 -4.80 -8.76
N ARG A 70 7.86 -3.64 -8.26
CA ARG A 70 8.74 -3.63 -7.09
C ARG A 70 8.09 -4.31 -5.90
N VAL A 71 6.83 -3.99 -5.64
CA VAL A 71 6.06 -4.69 -4.60
C VAL A 71 6.07 -6.19 -4.88
N LEU A 72 5.65 -6.58 -6.08
CA LEU A 72 5.62 -8.00 -6.44
C LEU A 72 7.00 -8.65 -6.30
N LEU A 73 8.06 -7.98 -6.74
CA LEU A 73 9.37 -8.61 -6.58
C LEU A 73 9.80 -8.67 -5.13
N ASP A 74 9.44 -7.66 -4.33
CA ASP A 74 9.72 -7.74 -2.91
C ASP A 74 9.04 -8.94 -2.28
N LEU A 75 7.79 -9.22 -2.68
CA LEU A 75 7.11 -10.43 -2.18
C LEU A 75 7.89 -11.69 -2.55
N MET A 76 8.55 -11.71 -3.70
CA MET A 76 9.31 -12.87 -4.18
C MET A 76 10.69 -12.97 -3.56
N ASP A 77 10.96 -12.16 -2.52
CA ASP A 77 12.23 -12.17 -1.78
C ASP A 77 13.39 -11.58 -2.58
N ARG A 78 13.08 -10.71 -3.55
CA ARG A 78 14.10 -9.94 -4.26
C ARG A 78 15.10 -10.85 -4.96
N PRO A 79 14.67 -11.69 -5.91
CA PRO A 79 15.61 -12.58 -6.58
C PRO A 79 16.42 -11.85 -7.64
N ARG A 80 17.55 -12.46 -7.97
CA ARG A 80 18.38 -12.00 -9.06
C ARG A 80 17.71 -12.33 -10.39
N LEU A 81 17.52 -11.30 -11.22
CA LEU A 81 16.73 -11.44 -12.43
C LEU A 81 17.51 -12.02 -13.61
N GLY A 82 18.74 -11.57 -13.84
CA GLY A 82 19.43 -12.15 -14.97
C GLY A 82 18.77 -11.75 -16.28
N THR A 83 18.93 -12.61 -17.27
CA THR A 83 18.31 -12.41 -18.58
C THR A 83 16.79 -12.35 -18.45
N THR A 84 16.21 -11.23 -18.85
CA THR A 84 14.81 -10.95 -18.58
C THR A 84 14.13 -10.51 -19.86
N VAL A 85 12.98 -11.09 -20.15
CA VAL A 85 12.09 -10.63 -21.21
C VAL A 85 10.84 -10.05 -20.57
N ASP A 86 10.48 -8.84 -20.98
CA ASP A 86 9.33 -8.11 -20.50
C ASP A 86 8.33 -8.08 -21.66
N LEU A 87 7.29 -8.92 -21.56
CA LEU A 87 6.29 -9.06 -22.62
C LEU A 87 5.16 -8.06 -22.43
N CYS A 88 4.68 -7.51 -23.54
CA CYS A 88 3.72 -6.41 -23.54
C CYS A 88 4.22 -5.26 -22.65
N ALA A 89 5.50 -4.92 -22.85
CA ALA A 89 6.16 -3.94 -21.99
C ALA A 89 5.47 -2.59 -21.97
N GLY A 90 4.61 -2.28 -22.94
CA GLY A 90 3.93 -0.98 -22.94
C GLY A 90 4.91 0.18 -22.89
N ARG A 91 4.70 1.08 -21.93
CA ARG A 91 5.51 2.28 -21.75
C ARG A 91 6.86 2.01 -21.08
N GLY A 92 7.12 0.78 -20.66
CA GLY A 92 8.42 0.45 -20.12
C GLY A 92 8.55 0.48 -18.62
N GLY A 93 7.43 0.61 -17.88
CA GLY A 93 7.51 0.67 -16.43
C GLY A 93 8.24 -0.50 -15.81
N TRP A 94 7.98 -1.72 -16.31
CA TRP A 94 8.60 -2.90 -15.71
C TRP A 94 10.04 -3.04 -16.17
N SER A 95 10.29 -2.75 -17.43
CA SER A 95 11.65 -2.82 -17.93
C SER A 95 12.52 -1.82 -17.19
N GLU A 96 11.98 -0.62 -16.94
CA GLU A 96 12.76 0.40 -16.27
C GLU A 96 13.17 -0.06 -14.87
N LEU A 97 12.33 -0.83 -14.20
CA LEU A 97 12.71 -1.25 -12.85
C LEU A 97 13.80 -2.31 -12.90
N VAL A 98 13.75 -3.21 -13.89
CA VAL A 98 14.82 -4.18 -14.04
C VAL A 98 16.13 -3.48 -14.31
N LYS A 99 16.12 -2.48 -15.20
CA LYS A 99 17.34 -1.76 -15.51
C LYS A 99 17.91 -1.06 -14.27
N ASP A 100 17.08 -0.41 -13.48
CA ASP A 100 17.58 0.17 -12.23
C ASP A 100 18.08 -0.91 -11.28
N LEU A 101 17.49 -2.09 -11.33
CA LEU A 101 17.87 -3.16 -10.42
C LEU A 101 19.18 -3.82 -10.83
N GLU A 102 19.44 -3.91 -12.14
CA GLU A 102 20.52 -4.73 -12.66
C GLU A 102 21.16 -4.21 -13.93
N GLY A 103 20.80 -3.02 -14.43
CA GLY A 103 21.36 -2.53 -15.67
C GLY A 103 20.55 -2.92 -16.90
N PRO A 104 20.75 -2.21 -18.01
CA PRO A 104 19.93 -2.45 -19.21
C PRO A 104 20.33 -3.67 -20.03
N LYS A 105 21.49 -4.28 -19.78
CA LYS A 105 22.01 -5.31 -20.69
C LYS A 105 21.10 -6.54 -20.72
N GLY A 106 20.54 -6.93 -19.57
CA GLY A 106 19.86 -8.20 -19.49
C GLY A 106 18.41 -8.20 -19.94
N ILE A 107 17.82 -7.03 -20.23
CA ILE A 107 16.40 -6.87 -20.49
C ILE A 107 16.15 -6.87 -22.00
N THR A 108 15.04 -7.48 -22.39
CA THR A 108 14.49 -7.37 -23.74
C THR A 108 13.01 -7.08 -23.58
N ALA A 109 12.52 -6.05 -24.26
CA ALA A 109 11.16 -5.60 -24.13
C ALA A 109 10.42 -5.85 -25.44
N VAL A 110 9.28 -6.53 -25.35
CA VAL A 110 8.44 -6.82 -26.51
C VAL A 110 7.12 -6.08 -26.33
N SER A 111 6.65 -5.43 -27.39
CA SER A 111 5.34 -4.80 -27.44
C SER A 111 5.08 -4.44 -28.89
N LEU A 112 3.83 -4.12 -29.22
CA LEU A 112 3.50 -3.58 -30.53
C LEU A 112 3.39 -2.07 -30.45
N TRP A 113 4.06 -1.38 -31.37
CA TRP A 113 4.03 0.09 -31.41
C TRP A 113 3.71 0.60 -32.82
N GLU A 119 4.13 6.26 -26.09
CA GLU A 119 4.91 5.11 -26.51
C GLU A 119 5.91 4.74 -25.40
N TRP A 120 7.20 4.67 -25.74
CA TRP A 120 8.21 4.12 -24.85
C TRP A 120 8.81 5.25 -24.02
N MET A 121 8.43 5.29 -22.74
CA MET A 121 8.90 6.34 -21.82
C MET A 121 10.00 5.86 -20.89
N ALA A 122 10.69 4.78 -21.22
CA ALA A 122 11.73 4.24 -20.37
C ALA A 122 13.08 4.44 -21.03
N ASP A 123 14.14 4.01 -20.32
CA ASP A 123 15.49 4.12 -20.82
C ASP A 123 15.57 3.62 -22.26
N PRO A 124 16.04 4.45 -23.20
CA PRO A 124 16.22 3.96 -24.59
C PRO A 124 17.36 2.98 -24.76
N ALA A 125 18.24 2.85 -23.77
CA ALA A 125 19.29 1.84 -23.87
C ALA A 125 18.72 0.43 -23.81
N ILE A 126 17.49 0.27 -23.33
CA ILE A 126 16.89 -1.06 -23.18
C ILE A 126 16.48 -1.61 -24.54
N HIS A 127 16.94 -2.82 -24.85
CA HIS A 127 16.62 -3.45 -26.12
C HIS A 127 15.12 -3.76 -26.25
N ARG A 128 14.54 -3.36 -27.39
CA ARG A 128 13.11 -3.54 -27.67
C ARG A 128 12.89 -4.30 -28.97
N ILE A 129 11.77 -5.02 -29.02
CA ILE A 129 11.32 -5.71 -30.22
C ILE A 129 9.88 -5.33 -30.44
N ASN A 130 9.57 -4.84 -31.65
CA ASN A 130 8.20 -4.50 -32.00
C ASN A 130 7.62 -5.76 -32.62
N ALA A 131 6.77 -6.47 -31.87
CA ALA A 131 6.23 -7.73 -32.36
C ALA A 131 4.97 -8.09 -31.60
N ASN A 132 4.10 -8.83 -32.27
CA ASN A 132 2.90 -9.35 -31.63
C ASN A 132 3.24 -10.52 -30.71
N VAL A 133 2.90 -10.39 -29.43
CA VAL A 133 3.26 -11.41 -28.45
C VAL A 133 2.68 -12.76 -28.82
N LYS A 134 1.60 -12.78 -29.59
CA LYS A 134 1.00 -14.05 -29.99
C LYS A 134 1.72 -14.70 -31.16
N HIS A 135 2.66 -14.01 -31.81
CA HIS A 135 3.45 -14.55 -32.91
C HIS A 135 4.93 -14.72 -32.59
N LEU A 136 5.48 -13.90 -31.68
CA LEU A 136 6.89 -14.06 -31.30
C LEU A 136 7.08 -15.41 -30.59
N ARG A 137 8.00 -16.25 -31.09
CA ARG A 137 8.19 -17.51 -30.39
C ARG A 137 9.16 -17.33 -29.24
N PRO A 138 9.03 -18.18 -28.21
CA PRO A 138 9.81 -17.96 -26.98
C PRO A 138 11.29 -18.26 -27.21
N TRP A 139 12.07 -17.87 -26.19
CA TRP A 139 13.42 -18.36 -26.03
C TRP A 139 13.68 -18.48 -24.55
N GLN A 140 14.83 -19.03 -24.23
CA GLN A 140 15.14 -19.33 -22.84
C GLN A 140 15.59 -18.08 -22.11
N VAL A 141 15.06 -17.88 -20.91
CA VAL A 141 15.38 -16.71 -20.10
C VAL A 141 15.43 -17.14 -18.63
N ASP A 142 16.07 -16.29 -17.81
CA ASP A 142 16.05 -16.47 -16.37
C ASP A 142 14.74 -15.99 -15.78
N THR A 143 14.24 -14.87 -16.29
CA THR A 143 13.09 -14.19 -15.70
C THR A 143 12.11 -13.81 -16.80
N LEU A 144 10.84 -14.16 -16.59
CA LEU A 144 9.77 -13.90 -17.54
C LEU A 144 8.77 -12.96 -16.89
N LEU A 145 8.61 -11.77 -17.46
CA LEU A 145 7.56 -10.84 -17.04
C LEU A 145 6.49 -10.73 -18.11
N PHE A 146 5.22 -10.67 -17.67
CA PHE A 146 4.10 -10.42 -18.55
C PHE A 146 3.12 -9.49 -17.84
N ASP A 147 2.83 -8.35 -18.48
CA ASP A 147 1.88 -7.36 -17.95
C ASP A 147 0.83 -7.01 -18.98
N GLY A 148 0.46 -7.96 -19.84
CA GLY A 148 -0.55 -7.76 -20.85
C GLY A 148 -1.93 -8.16 -20.37
N GLY A 149 -2.90 -7.96 -21.24
CA GLY A 149 -4.27 -8.15 -20.83
C GLY A 149 -5.03 -6.83 -20.85
N GLU A 150 -6.32 -6.91 -21.18
CA GLU A 150 -7.12 -5.70 -21.26
C GLU A 150 -8.50 -5.93 -20.69
N ALA A 151 -8.97 -4.92 -19.96
CA ALA A 151 -10.32 -4.89 -19.44
C ALA A 151 -11.24 -4.30 -20.49
N PHE A 152 -12.22 -5.07 -20.94
CA PHE A 152 -13.19 -4.60 -21.92
C PHE A 152 -14.24 -3.72 -21.25
N LYS A 153 -14.92 -2.89 -22.05
CA LYS A 153 -15.94 -1.98 -21.56
C LYS A 153 -17.33 -2.63 -21.67
N ARG A 154 -18.26 -2.11 -20.86
CA ARG A 154 -19.58 -2.73 -20.64
C ARG A 154 -20.30 -3.10 -21.92
N ASP A 155 -20.00 -2.41 -23.03
CA ASP A 155 -20.75 -2.62 -24.26
C ASP A 155 -20.24 -3.82 -25.06
N GLN A 156 -19.96 -4.93 -24.36
CA GLN A 156 -19.39 -6.08 -25.04
C GLN A 156 -20.02 -7.37 -24.54
N ASN A 157 -20.05 -8.36 -25.44
CA ASN A 157 -20.30 -9.74 -25.05
C ASN A 157 -19.28 -10.15 -24.00
N LEU A 158 -19.76 -10.88 -22.98
CA LEU A 158 -18.85 -11.26 -21.90
C LEU A 158 -17.75 -12.18 -22.40
N ARG A 159 -18.08 -13.07 -23.34
CA ARG A 159 -17.15 -14.09 -23.81
C ARG A 159 -16.02 -13.49 -24.63
N LYS A 160 -16.24 -12.32 -25.22
CA LYS A 160 -15.23 -11.75 -26.08
C LYS A 160 -14.03 -11.29 -25.26
N GLU A 161 -14.28 -10.67 -24.10
CA GLU A 161 -13.18 -10.31 -23.21
C GLU A 161 -12.47 -11.55 -22.68
N GLU A 162 -13.23 -12.61 -22.37
CA GLU A 162 -12.61 -13.85 -21.89
C GLU A 162 -11.74 -14.50 -22.96
N ASN A 163 -12.23 -14.55 -24.21
CA ASN A 163 -11.46 -15.15 -25.29
C ASN A 163 -10.19 -14.35 -25.58
N PHE A 164 -10.28 -13.02 -25.52
CA PHE A 164 -9.11 -12.21 -25.84
C PHE A 164 -7.99 -12.46 -24.86
N ASN A 165 -8.31 -12.45 -23.56
CA ASN A 165 -7.27 -12.64 -22.56
C ASN A 165 -6.81 -14.09 -22.50
N ASP A 166 -7.72 -15.05 -22.71
CA ASP A 166 -7.30 -16.45 -22.88
C ASP A 166 -6.20 -16.56 -23.92
N SER A 167 -6.40 -15.95 -25.10
CA SER A 167 -5.41 -16.08 -26.17
C SER A 167 -4.06 -15.47 -25.80
N LEU A 168 -4.05 -14.42 -24.98
CA LEU A 168 -2.78 -13.87 -24.49
C LEU A 168 -2.10 -14.83 -23.52
N LEU A 169 -2.85 -15.47 -22.62
CA LEU A 169 -2.23 -16.48 -21.75
C LEU A 169 -1.74 -17.68 -22.55
N ASP A 170 -2.42 -18.03 -23.65
CA ASP A 170 -1.91 -19.09 -24.52
C ASP A 170 -0.53 -18.78 -25.06
N ALA A 171 -0.26 -17.50 -25.36
CA ALA A 171 1.07 -17.11 -25.80
C ALA A 171 2.10 -17.23 -24.67
N VAL A 172 1.75 -16.72 -23.48
CA VAL A 172 2.65 -16.84 -22.33
C VAL A 172 2.94 -18.30 -22.07
N ASP A 173 1.95 -19.15 -22.34
CA ASP A 173 2.11 -20.59 -22.10
C ASP A 173 3.33 -21.14 -22.82
N ALA A 174 3.56 -20.72 -24.07
CA ALA A 174 4.72 -21.26 -24.79
C ALA A 174 6.03 -20.81 -24.14
N TRP A 175 6.04 -19.69 -23.40
CA TRP A 175 7.27 -19.31 -22.69
C TRP A 175 7.47 -20.17 -21.46
N MET A 176 6.38 -20.55 -20.81
CA MET A 176 6.45 -21.31 -19.58
C MET A 176 6.69 -22.80 -19.81
N MET A 177 6.33 -23.33 -20.99
CA MET A 177 6.40 -24.77 -21.26
C MET A 177 7.61 -25.19 -22.07
N GLN A 178 8.53 -24.27 -22.35
CA GLN A 178 9.68 -24.63 -23.16
C GLN A 178 10.57 -25.55 -22.34
N PRO A 179 11.57 -26.19 -22.96
CA PRO A 179 12.35 -27.19 -22.21
C PRO A 179 12.98 -26.67 -20.92
N VAL A 180 13.55 -25.46 -20.91
CA VAL A 180 14.02 -24.85 -19.68
C VAL A 180 13.14 -23.64 -19.37
N PRO A 181 12.21 -23.75 -18.44
CA PRO A 181 11.26 -22.67 -18.18
C PRO A 181 11.91 -21.54 -17.41
N PRO A 182 11.26 -20.37 -17.34
CA PRO A 182 11.78 -19.29 -16.50
C PRO A 182 11.91 -19.70 -15.03
N ARG A 183 13.11 -19.47 -14.48
CA ARG A 183 13.32 -19.58 -13.03
C ARG A 183 12.42 -18.63 -12.28
N ASN A 184 12.38 -17.34 -12.70
CA ASN A 184 11.54 -16.32 -12.07
C ASN A 184 10.42 -15.92 -13.01
N PHE A 185 9.24 -15.65 -12.46
CA PHE A 185 8.21 -15.11 -13.35
C PHE A 185 7.18 -14.30 -12.58
N VAL A 186 6.66 -13.30 -13.28
CA VAL A 186 5.60 -12.43 -12.82
C VAL A 186 4.66 -12.35 -14.00
N ILE A 187 3.48 -12.95 -13.88
CA ILE A 187 2.53 -13.08 -14.98
C ILE A 187 1.21 -12.49 -14.54
N LYS A 188 0.86 -11.33 -15.09
CA LYS A 188 -0.45 -10.75 -14.82
C LYS A 188 -1.54 -11.64 -15.38
N ILE A 189 -2.60 -11.85 -14.59
CA ILE A 189 -3.74 -12.68 -14.99
C ILE A 189 -4.96 -11.77 -14.97
N GLN A 190 -5.26 -11.15 -16.12
CA GLN A 190 -6.34 -10.17 -16.21
C GLN A 190 -7.70 -10.78 -15.88
N VAL A 191 -7.97 -12.00 -16.34
CA VAL A 191 -9.28 -12.63 -16.16
C VAL A 191 -9.02 -14.03 -15.61
N PRO A 192 -8.95 -14.20 -14.30
CA PRO A 192 -8.43 -15.45 -13.74
C PRO A 192 -9.44 -16.58 -13.57
N TYR A 193 -10.73 -16.36 -13.85
CA TYR A 193 -11.76 -17.33 -13.51
C TYR A 193 -12.24 -18.15 -14.73
N THR A 194 -11.59 -18.02 -15.88
CA THR A 194 -11.93 -18.86 -17.02
C THR A 194 -11.36 -20.26 -16.82
N GLN A 195 -11.87 -21.21 -17.61
CA GLN A 195 -11.34 -22.56 -17.50
C GLN A 195 -9.95 -22.62 -18.10
N LYS A 196 -9.72 -21.91 -19.20
CA LYS A 196 -8.39 -21.85 -19.78
C LYS A 196 -7.37 -21.31 -18.77
N ALA A 197 -7.70 -20.19 -18.13
CA ALA A 197 -6.77 -19.56 -17.19
C ALA A 197 -6.44 -20.49 -16.04
N ILE A 198 -7.47 -21.04 -15.39
CA ILE A 198 -7.24 -21.94 -14.26
C ILE A 198 -6.47 -23.17 -14.71
N ALA A 199 -6.82 -23.73 -15.87
CA ALA A 199 -6.07 -24.90 -16.35
C ALA A 199 -4.64 -24.52 -16.74
N LEU A 200 -4.44 -23.30 -17.23
CA LEU A 200 -3.08 -22.89 -17.58
C LEU A 200 -2.23 -22.72 -16.32
N LEU A 201 -2.83 -22.19 -15.26
CA LEU A 201 -2.04 -21.97 -14.06
C LEU A 201 -1.67 -23.27 -13.38
N GLU A 202 -2.60 -24.21 -13.33
CA GLU A 202 -2.31 -25.49 -12.71
C GLU A 202 -1.26 -26.25 -13.52
N LYS A 203 -1.30 -26.12 -14.85
CA LYS A 203 -0.26 -26.75 -15.65
C LYS A 203 1.10 -26.12 -15.41
N TRP A 204 1.14 -24.79 -15.21
CA TRP A 204 2.44 -24.14 -14.97
C TRP A 204 3.01 -24.51 -13.61
N GLN A 205 2.16 -24.74 -12.62
CA GLN A 205 2.68 -25.22 -11.35
C GLN A 205 3.34 -26.58 -11.52
N VAL A 206 2.69 -27.49 -12.24
CA VAL A 206 3.29 -28.81 -12.46
C VAL A 206 4.59 -28.66 -13.23
N LYS A 207 4.62 -27.79 -14.24
CA LYS A 207 5.81 -27.66 -15.08
C LYS A 207 6.99 -27.09 -14.30
N THR A 208 6.77 -26.07 -13.46
CA THR A 208 7.86 -25.40 -12.78
C THR A 208 8.03 -25.82 -11.32
N GLY A 209 7.04 -26.49 -10.73
CA GLY A 209 7.10 -26.84 -9.33
C GLY A 209 6.89 -25.70 -8.36
N LYS A 210 6.34 -24.58 -8.81
CA LYS A 210 6.18 -23.43 -7.94
C LYS A 210 5.08 -22.56 -8.49
N GLY A 211 4.80 -21.46 -7.80
CA GLY A 211 3.81 -20.55 -8.36
C GLY A 211 2.65 -20.35 -7.42
N ARG A 212 2.31 -19.08 -7.19
CA ARG A 212 1.18 -18.70 -6.36
C ARG A 212 0.48 -17.50 -6.99
N LEU A 213 -0.84 -17.53 -6.99
CA LEU A 213 -1.65 -16.47 -7.56
C LEU A 213 -2.04 -15.52 -6.45
N VAL A 214 -1.73 -14.23 -6.62
CA VAL A 214 -1.98 -13.25 -5.57
C VAL A 214 -2.91 -12.16 -6.10
N ARG A 215 -3.66 -11.58 -5.19
CA ARG A 215 -4.47 -10.39 -5.43
C ARG A 215 -3.82 -9.25 -4.67
N LEU A 216 -3.23 -8.30 -5.37
CA LEU A 216 -2.66 -7.14 -4.70
C LEU A 216 -3.74 -6.31 -4.03
N ALA A 217 -3.54 -6.01 -2.75
CA ALA A 217 -4.45 -5.09 -2.08
C ALA A 217 -4.30 -3.69 -2.68
N GLY A 218 -5.40 -2.96 -2.75
CA GLY A 218 -5.33 -1.66 -3.36
C GLY A 218 -5.41 -1.61 -4.88
N ASP A 219 -5.48 -2.76 -5.57
CA ASP A 219 -5.86 -2.74 -6.99
C ASP A 219 -7.31 -2.27 -7.13
N ARG A 220 -7.62 -1.59 -8.23
CA ARG A 220 -8.98 -1.06 -8.36
C ARG A 220 -9.97 -2.21 -8.41
N LEU A 221 -11.08 -2.03 -7.71
CA LEU A 221 -12.18 -2.98 -7.70
C LEU A 221 -12.79 -3.18 -9.07
N SER A 222 -12.44 -2.35 -10.06
CA SER A 222 -13.13 -2.41 -11.34
C SER A 222 -12.54 -3.45 -12.28
N ASN A 223 -11.50 -4.16 -11.87
CA ASN A 223 -10.92 -5.24 -12.65
C ASN A 223 -10.86 -6.50 -11.81
N THR A 224 -10.37 -7.57 -12.41
CA THR A 224 -10.22 -8.86 -11.75
C THR A 224 -8.77 -9.33 -11.77
N VAL A 225 -7.86 -8.36 -11.83
CA VAL A 225 -6.44 -8.65 -12.06
C VAL A 225 -5.86 -9.40 -10.87
N MET A 226 -5.22 -10.52 -11.16
CA MET A 226 -4.37 -11.22 -10.22
C MET A 226 -2.98 -11.33 -10.84
N TYR A 227 -2.04 -11.81 -10.04
CA TYR A 227 -0.68 -11.97 -10.50
C TYR A 227 -0.21 -13.34 -10.07
N PHE A 228 0.42 -14.04 -11.00
CA PHE A 228 0.97 -15.37 -10.76
C PHE A 228 2.47 -15.21 -10.58
N LEU A 229 2.95 -15.43 -9.36
CA LEU A 229 4.33 -15.17 -8.95
C LEU A 229 5.07 -16.47 -8.74
N SER A 230 6.37 -16.47 -9.08
CA SER A 230 7.16 -17.69 -8.95
C SER A 230 7.66 -17.89 -7.52
N VAL A 231 6.78 -17.78 -6.53
CA VAL A 231 7.18 -18.09 -5.16
C VAL A 231 6.85 -19.55 -4.87
N ARG A 232 7.03 -19.98 -3.62
CA ARG A 232 6.72 -21.35 -3.22
C ARG A 232 5.31 -21.72 -3.67
N LEU A 233 5.12 -22.97 -4.06
CA LEU A 233 3.82 -23.47 -4.52
C LEU A 233 2.69 -23.07 -3.59
N GLU A 234 1.56 -22.67 -4.19
CA GLU A 234 0.29 -22.61 -3.48
C GLU A 234 -0.77 -23.16 -4.43
N THR A 235 -1.34 -24.34 -4.11
CA THR A 235 -2.24 -25.04 -5.02
C THR A 235 -3.69 -24.64 -4.74
N GLN A 236 -4.63 -25.49 -5.20
CA GLN A 236 -6.07 -25.23 -5.11
C GLN A 236 -6.41 -23.87 -5.73
N ILE A 237 -5.76 -23.57 -6.86
CA ILE A 237 -5.97 -22.29 -7.54
C ILE A 237 -7.45 -22.09 -7.85
N ARG A 238 -8.16 -23.15 -8.21
CA ARG A 238 -9.56 -22.99 -8.62
C ARG A 238 -10.40 -22.48 -7.47
N GLY A 239 -10.15 -22.96 -6.26
CA GLY A 239 -10.91 -22.51 -5.12
C GLY A 239 -10.48 -21.15 -4.63
N ARG A 240 -9.20 -20.84 -4.76
CA ARG A 240 -8.75 -19.50 -4.38
C ARG A 240 -9.29 -18.45 -5.33
N VAL A 241 -9.41 -18.77 -6.63
CA VAL A 241 -9.98 -17.78 -7.54
C VAL A 241 -11.45 -17.58 -7.22
N THR A 242 -12.15 -18.66 -6.90
CA THR A 242 -13.54 -18.56 -6.46
C THR A 242 -13.67 -17.64 -5.27
N THR A 243 -12.82 -17.85 -4.26
CA THR A 243 -12.82 -16.99 -3.09
C THR A 243 -12.54 -15.54 -3.49
N PHE A 244 -11.62 -15.32 -4.43
CA PHE A 244 -11.34 -13.96 -4.88
C PHE A 244 -12.56 -13.30 -5.49
N VAL A 245 -13.18 -13.96 -6.46
CA VAL A 245 -14.34 -13.42 -7.18
C VAL A 245 -15.51 -13.21 -6.23
N ARG A 246 -15.78 -14.18 -5.35
CA ARG A 246 -16.83 -13.98 -4.36
C ARG A 246 -16.53 -12.77 -3.48
N GLU A 247 -15.31 -12.69 -2.97
CA GLU A 247 -14.93 -11.60 -2.07
C GLU A 247 -14.97 -10.24 -2.78
N LEU A 248 -14.55 -10.20 -4.05
CA LEU A 248 -14.52 -8.95 -4.80
C LEU A 248 -15.93 -8.44 -5.02
N ALA A 249 -16.86 -9.33 -5.36
CA ALA A 249 -18.25 -8.90 -5.57
C ALA A 249 -18.82 -8.26 -4.32
N GLU A 250 -18.51 -8.83 -3.15
CA GLU A 250 -19.05 -8.29 -1.91
C GLU A 250 -18.50 -6.90 -1.64
N ARG A 251 -17.20 -6.71 -1.88
CA ARG A 251 -16.57 -5.40 -1.75
C ARG A 251 -17.02 -4.42 -2.82
N ARG A 252 -17.42 -4.93 -3.98
CA ARG A 252 -18.00 -4.05 -4.98
C ARG A 252 -19.35 -3.53 -4.54
N LYS A 253 -20.13 -4.39 -3.89
CA LYS A 253 -21.44 -3.95 -3.41
C LYS A 253 -21.28 -2.92 -2.28
N ASP A 254 -20.40 -3.21 -1.32
CA ASP A 254 -20.18 -2.27 -0.22
C ASP A 254 -19.81 -0.88 -0.73
N ARG A 255 -18.85 -0.79 -1.65
CA ARG A 255 -18.41 0.52 -2.11
C ARG A 255 -19.46 1.21 -3.00
N SER A 256 -20.17 0.45 -3.81
CA SER A 256 -21.10 1.09 -4.75
C SER A 256 -22.32 1.64 -4.04
N LEU A 257 -22.75 0.99 -2.97
CA LEU A 257 -23.95 1.37 -2.25
C LEU A 257 -23.63 2.51 -1.27
N THR A 258 -24.57 3.45 -1.14
CA THR A 258 -24.43 4.54 -0.18
C THR A 258 -25.41 4.36 0.98
N ALA A 259 -25.03 4.93 2.13
CA ALA A 259 -25.92 5.10 3.28
C ALA A 259 -26.62 3.81 3.72
N GLU B 6 19.53 1.05 -2.78
CA GLU B 6 18.78 0.07 -3.56
C GLU B 6 17.34 0.51 -3.74
N VAL B 7 16.76 0.14 -4.89
CA VAL B 7 15.44 0.62 -5.26
C VAL B 7 14.37 0.12 -4.30
N TYR B 8 14.63 -0.97 -3.57
CA TYR B 8 13.63 -1.54 -2.68
C TYR B 8 13.36 -0.69 -1.47
N LYS B 9 14.18 0.34 -1.23
CA LYS B 9 13.97 1.22 -0.09
C LYS B 9 13.28 2.52 -0.50
N GLY B 10 12.86 2.64 -1.75
CA GLY B 10 12.10 3.80 -2.20
C GLY B 10 10.76 3.88 -1.51
N ASP B 11 10.14 5.07 -1.64
CA ASP B 11 8.85 5.27 -1.01
C ASP B 11 7.80 4.37 -1.63
N GLY B 12 7.88 4.15 -2.95
CA GLY B 12 6.93 3.31 -3.64
C GLY B 12 5.51 3.59 -3.23
N TYR B 13 4.79 2.52 -2.88
CA TYR B 13 3.40 2.64 -2.45
C TYR B 13 3.27 3.26 -1.06
N LYS B 14 4.30 3.13 -0.22
CA LYS B 14 4.12 3.25 1.22
C LYS B 14 3.59 4.61 1.66
N VAL B 15 4.07 5.73 1.06
CA VAL B 15 3.71 7.06 1.53
C VAL B 15 3.56 8.05 0.38
N TRP B 16 2.84 9.13 0.64
CA TRP B 16 2.73 10.18 -0.36
C TRP B 16 4.08 10.83 -0.59
N LYS B 17 4.33 11.22 -1.84
CA LYS B 17 5.45 12.09 -2.19
C LYS B 17 5.06 13.53 -1.87
N LEU B 18 5.80 14.15 -0.96
CA LEU B 18 5.46 15.50 -0.50
C LEU B 18 6.66 16.38 -0.76
N GLU B 19 6.61 17.09 -1.85
CA GLU B 19 7.60 18.13 -2.06
C GLU B 19 7.06 19.45 -1.53
N PRO B 20 7.93 20.33 -1.03
CA PRO B 20 7.43 21.59 -0.43
C PRO B 20 6.79 22.49 -1.48
N SER B 21 5.66 23.10 -1.11
CA SER B 21 5.00 24.05 -1.97
C SER B 21 4.65 25.31 -1.19
N LEU B 22 4.14 26.30 -1.90
CA LEU B 22 3.82 27.59 -1.31
C LEU B 22 2.42 27.59 -0.71
N GLY B 23 2.29 28.24 0.43
CA GLY B 23 0.99 28.47 1.01
C GLY B 23 1.07 28.46 2.52
N ASP B 24 -0.04 28.83 3.13
CA ASP B 24 -0.19 28.81 4.57
C ASP B 24 -0.90 27.52 4.96
N PRO B 25 -0.25 26.61 5.70
CA PRO B 25 -0.86 25.30 5.99
C PRO B 25 -1.99 25.35 7.01
N LEU B 26 -1.96 26.28 7.94
CA LEU B 26 -3.02 26.35 8.93
C LEU B 26 -4.32 26.83 8.29
N GLU B 27 -4.23 27.87 7.47
CA GLU B 27 -5.40 28.36 6.74
C GLU B 27 -5.94 27.32 5.78
N LEU B 28 -5.06 26.61 5.09
CA LEU B 28 -5.50 25.57 4.17
C LEU B 28 -6.10 24.39 4.93
N GLY B 29 -5.43 23.97 6.02
CA GLY B 29 -5.96 22.89 6.82
C GLY B 29 -7.33 23.21 7.39
N ARG B 30 -7.49 24.43 7.89
CA ARG B 30 -8.80 24.83 8.39
C ARG B 30 -9.83 24.85 7.28
N LYS B 31 -9.43 25.27 6.07
CA LYS B 31 -10.39 25.29 4.98
C LYS B 31 -10.91 23.88 4.70
N THR B 32 -10.02 22.88 4.69
CA THR B 32 -10.47 21.53 4.41
C THR B 32 -11.18 20.90 5.60
N LYS B 33 -10.81 21.25 6.83
CA LYS B 33 -11.60 20.75 7.94
C LYS B 33 -13.02 21.30 7.89
N THR B 34 -13.16 22.60 7.65
CA THR B 34 -14.47 23.20 7.52
C THR B 34 -15.30 22.53 6.42
N GLU B 35 -14.67 22.28 5.26
CA GLU B 35 -15.39 21.66 4.15
C GLU B 35 -15.88 20.26 4.51
N MET B 36 -15.10 19.50 5.29
CA MET B 36 -15.50 18.15 5.63
C MET B 36 -16.62 18.13 6.66
N ASN B 37 -16.56 19.00 7.67
CA ASN B 37 -17.69 19.17 8.58
C ASN B 37 -19.00 19.37 7.83
N ALA B 38 -18.96 20.08 6.71
CA ALA B 38 -20.18 20.39 5.97
C ALA B 38 -20.56 19.29 4.99
N MET B 39 -19.72 18.29 4.79
CA MET B 39 -20.06 17.22 3.87
C MET B 39 -21.32 16.48 4.31
N THR B 40 -22.14 16.11 3.34
CA THR B 40 -23.30 15.28 3.57
C THR B 40 -22.90 13.87 4.01
N HIS B 41 -23.89 13.12 4.45
CA HIS B 41 -23.69 11.74 4.87
C HIS B 41 -23.16 10.89 3.73
N ASP B 42 -23.69 11.08 2.52
CA ASP B 42 -23.15 10.39 1.37
C ASP B 42 -21.71 10.84 1.10
N GLU B 43 -21.51 12.14 0.85
CA GLU B 43 -20.19 12.67 0.53
C GLU B 43 -19.15 12.24 1.55
N PHE B 44 -19.46 12.39 2.83
CA PHE B 44 -18.52 11.95 3.86
C PHE B 44 -18.28 10.45 3.74
N ASP B 45 -19.34 9.69 3.48
CA ASP B 45 -19.19 8.24 3.41
C ASP B 45 -18.30 7.84 2.25
N ARG B 46 -18.61 8.35 1.04
CA ARG B 46 -17.82 8.05 -0.16
C ARG B 46 -16.34 8.25 0.11
N MET B 47 -16.02 9.21 0.95
CA MET B 47 -14.64 9.62 1.19
C MET B 47 -13.99 8.83 2.33
N LYS B 48 -14.31 7.55 2.47
CA LYS B 48 -13.87 6.79 3.65
C LYS B 48 -14.11 5.28 3.51
N GLY B 65 -3.68 -1.25 13.83
CA GLY B 65 -2.65 -0.55 14.55
C GLY B 65 -1.33 -1.27 14.37
N TYR B 66 -1.37 -2.59 14.61
CA TYR B 66 -0.22 -3.46 14.38
C TYR B 66 0.44 -3.19 13.04
N ASP B 67 -0.36 -3.16 11.96
CA ASP B 67 0.28 -3.14 10.65
C ASP B 67 0.75 -1.75 10.25
N LYS B 68 0.13 -0.69 10.78
CA LYS B 68 0.66 0.63 10.51
C LYS B 68 2.08 0.75 11.04
N LEU B 69 2.33 0.29 12.26
CA LEU B 69 3.68 0.39 12.78
C LEU B 69 4.65 -0.43 11.94
N ARG B 70 4.25 -1.64 11.53
CA ARG B 70 5.11 -2.47 10.69
C ARG B 70 5.51 -1.73 9.41
N VAL B 71 4.56 -1.04 8.77
CA VAL B 71 4.90 -0.26 7.59
C VAL B 71 5.89 0.83 7.94
N LEU B 72 5.63 1.55 9.04
CA LEU B 72 6.52 2.63 9.46
C LEU B 72 7.91 2.11 9.81
N LEU B 73 8.01 1.02 10.55
CA LEU B 73 9.33 0.49 10.88
C LEU B 73 10.06 -0.02 9.63
N ASP B 74 9.33 -0.63 8.69
CA ASP B 74 9.97 -1.03 7.44
C ASP B 74 10.51 0.17 6.70
N LEU B 75 9.72 1.24 6.63
CA LEU B 75 10.24 2.49 6.10
C LEU B 75 11.50 2.93 6.84
N MET B 76 11.60 2.61 8.13
CA MET B 76 12.75 3.01 8.92
C MET B 76 13.88 2.01 8.82
N ASP B 77 13.84 1.18 7.79
CA ASP B 77 14.86 0.18 7.53
C ASP B 77 14.96 -0.84 8.66
N ARG B 78 13.84 -1.10 9.33
CA ARG B 78 13.74 -2.17 10.34
C ARG B 78 14.76 -2.02 11.47
N PRO B 79 14.70 -0.94 12.24
CA PRO B 79 15.71 -0.74 13.29
C PRO B 79 15.52 -1.72 14.45
N ARG B 80 16.62 -1.93 15.18
CA ARG B 80 16.54 -2.56 16.49
C ARG B 80 16.03 -1.53 17.49
N LEU B 81 15.03 -1.92 18.28
CA LEU B 81 14.28 -0.97 19.11
C LEU B 81 14.77 -0.86 20.55
N GLY B 82 15.19 -1.97 21.17
CA GLY B 82 15.67 -1.93 22.53
C GLY B 82 14.61 -1.44 23.50
N THR B 83 15.03 -0.78 24.57
CA THR B 83 14.10 -0.23 25.54
C THR B 83 13.15 0.76 24.86
N THR B 84 11.86 0.43 24.87
CA THR B 84 10.85 1.11 24.10
C THR B 84 9.75 1.58 25.01
N VAL B 85 9.28 2.80 24.81
CA VAL B 85 8.13 3.29 25.55
C VAL B 85 7.02 3.66 24.55
N ASP B 86 5.82 3.14 24.78
CA ASP B 86 4.68 3.29 23.89
C ASP B 86 3.66 4.18 24.63
N LEU B 87 3.69 5.48 24.33
CA LEU B 87 2.82 6.45 24.96
C LEU B 87 1.48 6.46 24.28
N CYS B 88 0.41 6.57 25.08
CA CYS B 88 -0.97 6.40 24.60
C CYS B 88 -1.09 5.08 23.81
N ALA B 89 -0.84 3.98 24.52
CA ALA B 89 -0.76 2.67 23.87
C ALA B 89 -2.14 2.11 23.52
N GLY B 90 -3.20 2.53 24.22
CA GLY B 90 -4.54 2.07 23.89
C GLY B 90 -4.73 0.57 24.04
N ARG B 91 -5.12 -0.09 22.94
CA ARG B 91 -5.34 -1.53 22.92
C ARG B 91 -4.05 -2.33 22.89
N GLY B 92 -2.90 -1.68 22.73
CA GLY B 92 -1.65 -2.40 22.70
C GLY B 92 -1.20 -2.86 21.33
N GLY B 93 -1.91 -2.50 20.26
CA GLY B 93 -1.49 -2.90 18.93
C GLY B 93 -0.01 -2.63 18.64
N TRP B 94 0.48 -1.46 19.06
CA TRP B 94 1.87 -1.09 18.79
C TRP B 94 2.82 -1.82 19.73
N SER B 95 2.50 -1.85 21.02
CA SER B 95 3.32 -2.63 21.95
C SER B 95 3.37 -4.10 21.55
N GLU B 96 2.32 -4.62 20.91
CA GLU B 96 2.31 -6.04 20.59
C GLU B 96 3.24 -6.36 19.42
N LEU B 97 3.40 -5.44 18.48
CA LEU B 97 4.35 -5.66 17.39
C LEU B 97 5.78 -5.60 17.90
N VAL B 98 6.08 -4.65 18.79
CA VAL B 98 7.40 -4.62 19.40
C VAL B 98 7.67 -5.93 20.12
N LYS B 99 6.62 -6.53 20.70
CA LYS B 99 6.78 -7.78 21.42
C LYS B 99 7.16 -8.91 20.47
N ASP B 100 6.41 -9.09 19.39
CA ASP B 100 6.77 -10.09 18.37
C ASP B 100 8.15 -9.87 17.74
N LEU B 101 8.68 -8.65 17.78
CA LEU B 101 9.95 -8.40 17.09
C LEU B 101 11.17 -8.69 17.97
N GLU B 102 11.02 -8.50 19.29
CA GLU B 102 12.17 -8.51 20.20
C GLU B 102 11.86 -8.98 21.60
N GLY B 103 10.60 -9.30 21.94
CA GLY B 103 10.25 -9.74 23.26
C GLY B 103 9.67 -8.61 24.12
N PRO B 104 8.98 -8.98 25.20
CA PRO B 104 8.20 -8.00 25.97
C PRO B 104 8.96 -7.29 27.08
N LYS B 105 10.21 -7.66 27.36
CA LYS B 105 10.93 -7.05 28.46
C LYS B 105 11.29 -5.59 28.15
N GLY B 106 11.49 -5.27 26.87
CA GLY B 106 11.82 -3.90 26.50
C GLY B 106 10.66 -2.92 26.56
N ILE B 107 9.41 -3.40 26.55
CA ILE B 107 8.24 -2.55 26.32
C ILE B 107 7.69 -2.05 27.64
N THR B 108 7.30 -0.78 27.64
CA THR B 108 6.46 -0.21 28.68
C THR B 108 5.34 0.56 27.99
N ALA B 109 4.10 0.15 28.22
CA ALA B 109 2.93 0.79 27.65
C ALA B 109 2.33 1.76 28.65
N VAL B 110 2.01 2.98 28.18
CA VAL B 110 1.34 3.99 28.98
C VAL B 110 0.02 4.34 28.30
N SER B 111 -1.05 4.47 29.10
CA SER B 111 -2.41 4.79 28.65
C SER B 111 -3.31 5.00 29.87
N LEU B 112 -4.18 6.02 29.88
CA LEU B 112 -5.13 6.12 30.99
C LEU B 112 -6.30 5.20 30.74
N TRP B 113 -6.90 4.74 31.81
CA TRP B 113 -8.03 3.87 31.72
C TRP B 113 -8.97 4.27 32.87
N GLU B 118 -10.38 0.66 31.14
CA GLU B 118 -9.42 -0.41 30.87
C GLU B 118 -9.86 -1.23 29.65
N GLU B 119 -9.06 -1.17 28.58
CA GLU B 119 -9.41 -1.77 27.29
C GLU B 119 -8.15 -2.30 26.58
N TRP B 120 -7.44 -3.21 27.24
CA TRP B 120 -6.17 -3.74 26.76
C TRP B 120 -6.39 -5.08 26.05
N MET B 121 -5.89 -5.17 24.80
CA MET B 121 -6.08 -6.36 23.97
C MET B 121 -4.76 -7.03 23.56
N ALA B 122 -3.63 -6.60 24.09
CA ALA B 122 -2.36 -7.18 23.71
C ALA B 122 -1.84 -8.09 24.80
N ASP B 123 -0.75 -8.83 24.47
CA ASP B 123 -0.05 -9.74 25.35
C ASP B 123 -0.05 -9.22 26.78
N PRO B 124 -0.67 -9.93 27.73
CA PRO B 124 -0.74 -9.43 29.11
C PRO B 124 0.59 -9.39 29.82
N ALA B 125 1.64 -10.01 29.26
CA ALA B 125 2.99 -9.94 29.82
C ALA B 125 3.63 -8.57 29.63
N ILE B 126 3.08 -7.73 28.76
CA ILE B 126 3.65 -6.41 28.51
C ILE B 126 3.39 -5.53 29.72
N HIS B 127 4.45 -4.90 30.23
CA HIS B 127 4.32 -4.01 31.37
C HIS B 127 3.55 -2.75 30.97
N ARG B 128 2.50 -2.44 31.70
CA ARG B 128 1.67 -1.27 31.44
C ARG B 128 1.71 -0.30 32.61
N ILE B 129 1.43 0.96 32.31
CA ILE B 129 1.36 2.03 33.29
C ILE B 129 0.05 2.77 33.07
N ASN B 130 -0.77 2.87 34.10
CA ASN B 130 -2.01 3.64 34.00
C ASN B 130 -1.73 5.05 34.49
N ALA B 131 -1.57 5.99 33.57
CA ALA B 131 -1.08 7.32 33.91
C ALA B 131 -1.32 8.22 32.71
N ASN B 132 -1.38 9.52 32.99
CA ASN B 132 -1.59 10.55 31.99
C ASN B 132 -0.24 11.01 31.43
N VAL B 133 -0.11 10.97 30.09
CA VAL B 133 1.16 11.30 29.46
C VAL B 133 1.62 12.70 29.82
N LYS B 134 0.67 13.62 30.03
CA LYS B 134 1.08 14.97 30.43
C LYS B 134 1.54 14.99 31.87
N HIS B 135 0.96 14.14 32.71
CA HIS B 135 1.29 14.07 34.14
C HIS B 135 2.32 13.00 34.42
N LEU B 136 3.45 12.99 33.70
CA LEU B 136 4.42 11.92 33.89
C LEU B 136 5.79 12.40 33.42
N ARG B 137 6.80 12.23 34.28
CA ARG B 137 8.15 12.70 33.96
C ARG B 137 8.81 11.76 32.96
N PRO B 138 9.43 12.27 31.90
CA PRO B 138 10.04 11.39 30.91
C PRO B 138 11.30 10.73 31.45
N TRP B 139 11.68 9.63 30.81
CA TRP B 139 12.92 8.96 31.14
C TRP B 139 13.60 8.50 29.86
N GLN B 140 14.84 8.04 29.98
CA GLN B 140 15.63 7.74 28.79
C GLN B 140 15.20 6.42 28.18
N VAL B 141 14.98 6.42 26.87
CA VAL B 141 14.62 5.20 26.14
C VAL B 141 15.43 5.13 24.86
N ASP B 142 15.50 3.91 24.31
CA ASP B 142 16.04 3.70 22.98
C ASP B 142 15.03 4.08 21.91
N THR B 143 13.75 3.78 22.14
CA THR B 143 12.69 3.97 21.15
C THR B 143 11.50 4.65 21.81
N LEU B 144 11.01 5.73 21.17
CA LEU B 144 9.79 6.41 21.60
C LEU B 144 8.68 6.18 20.58
N LEU B 145 7.52 5.71 21.06
CA LEU B 145 6.37 5.48 20.21
C LEU B 145 5.22 6.29 20.77
N PHE B 146 4.63 7.13 19.93
CA PHE B 146 3.46 7.92 20.34
C PHE B 146 2.38 7.76 19.28
N ASP B 147 1.19 7.34 19.71
CA ASP B 147 0.05 7.10 18.82
C ASP B 147 -1.19 7.84 19.30
N GLY B 148 -1.07 8.78 20.22
CA GLY B 148 -2.22 9.51 20.69
C GLY B 148 -2.68 10.54 19.69
N GLY B 149 -3.74 11.25 20.06
CA GLY B 149 -4.38 12.20 19.17
C GLY B 149 -5.83 11.82 19.02
N GLU B 150 -6.72 12.82 19.01
CA GLU B 150 -8.14 12.58 18.80
C GLU B 150 -8.68 13.54 17.77
N ALA B 151 -9.58 13.04 16.93
CA ALA B 151 -10.37 13.88 16.04
C ALA B 151 -11.66 14.29 16.74
N PHE B 152 -12.07 15.54 16.54
CA PHE B 152 -13.26 16.09 17.16
C PHE B 152 -14.42 16.08 16.17
N LYS B 153 -15.63 15.94 16.71
CA LYS B 153 -16.84 15.86 15.90
C LYS B 153 -16.99 17.11 15.02
N ARG B 154 -17.87 17.00 14.03
CA ARG B 154 -18.08 18.04 13.04
C ARG B 154 -18.68 19.31 13.63
N ASP B 155 -19.11 19.30 14.88
CA ASP B 155 -19.73 20.46 15.49
C ASP B 155 -18.79 21.26 16.36
N GLN B 156 -17.56 20.81 16.56
CA GLN B 156 -16.66 21.49 17.46
C GLN B 156 -15.99 22.67 16.79
N ASN B 157 -15.69 23.69 17.60
CA ASN B 157 -14.88 24.79 17.13
C ASN B 157 -13.50 24.28 16.76
N LEU B 158 -13.04 24.65 15.55
CA LEU B 158 -11.78 24.13 15.03
C LEU B 158 -10.62 24.33 16.01
N ARG B 159 -10.56 25.48 16.67
CA ARG B 159 -9.46 25.73 17.59
C ARG B 159 -9.42 24.73 18.74
N LYS B 160 -10.54 24.09 19.07
CA LYS B 160 -10.50 23.13 20.17
C LYS B 160 -9.65 21.92 19.80
N GLU B 161 -9.87 21.37 18.60
CA GLU B 161 -9.12 20.18 18.21
C GLU B 161 -7.64 20.50 18.03
N GLU B 162 -7.33 21.69 17.49
CA GLU B 162 -5.93 22.09 17.35
C GLU B 162 -5.27 22.21 18.72
N ASN B 163 -5.95 22.85 19.66
CA ASN B 163 -5.38 23.03 20.98
C ASN B 163 -5.22 21.70 21.71
N PHE B 164 -6.21 20.82 21.63
CA PHE B 164 -6.11 19.54 22.33
C PHE B 164 -4.93 18.74 21.84
N ASN B 165 -4.75 18.65 20.52
CA ASN B 165 -3.67 17.84 19.97
C ASN B 165 -2.32 18.53 20.11
N ASP B 166 -2.29 19.86 20.14
CA ASP B 166 -1.06 20.55 20.49
C ASP B 166 -0.61 20.21 21.91
N SER B 167 -1.55 20.13 22.87
CA SER B 167 -1.17 19.80 24.24
C SER B 167 -0.55 18.41 24.32
N LEU B 168 -0.99 17.49 23.46
CA LEU B 168 -0.44 16.14 23.45
C LEU B 168 0.99 16.14 22.93
N LEU B 169 1.28 16.92 21.88
CA LEU B 169 2.64 17.01 21.34
C LEU B 169 3.60 17.67 22.33
N ASP B 170 3.11 18.64 23.12
CA ASP B 170 3.93 19.23 24.18
C ASP B 170 4.38 18.20 25.20
N ALA B 171 3.47 17.30 25.59
CA ALA B 171 3.86 16.16 26.41
C ALA B 171 5.00 15.38 25.74
N VAL B 172 4.86 15.12 24.43
CA VAL B 172 5.90 14.36 23.74
C VAL B 172 7.18 15.18 23.62
N ASP B 173 7.06 16.51 23.57
CA ASP B 173 8.25 17.36 23.49
C ASP B 173 9.22 17.06 24.62
N ALA B 174 8.69 16.78 25.82
CA ALA B 174 9.56 16.55 26.96
C ALA B 174 10.39 15.28 26.80
N TRP B 175 9.85 14.28 26.09
CA TRP B 175 10.62 13.06 25.88
C TRP B 175 11.69 13.25 24.81
N MET B 176 11.44 14.13 23.85
CA MET B 176 12.40 14.34 22.77
C MET B 176 13.54 15.26 23.17
N MET B 177 13.27 16.18 24.09
CA MET B 177 14.23 17.22 24.46
C MET B 177 15.12 16.82 25.64
N GLN B 178 15.00 15.60 26.14
CA GLN B 178 15.89 15.17 27.21
C GLN B 178 17.34 15.09 26.71
N PRO B 179 18.32 14.99 27.63
CA PRO B 179 19.73 15.01 27.21
C PRO B 179 20.09 14.02 26.12
N VAL B 180 19.72 12.76 26.28
CA VAL B 180 19.89 11.75 25.24
C VAL B 180 18.52 11.40 24.66
N PRO B 181 18.12 11.99 23.53
CA PRO B 181 16.77 11.75 22.99
C PRO B 181 16.62 10.33 22.51
N PRO B 182 15.41 9.90 22.13
CA PRO B 182 15.24 8.55 21.58
C PRO B 182 16.00 8.38 20.27
N ARG B 183 16.74 7.27 20.16
CA ARG B 183 17.46 6.97 18.93
C ARG B 183 16.48 6.63 17.81
N ASN B 184 15.39 5.97 18.15
CA ASN B 184 14.29 5.71 17.23
C ASN B 184 13.04 6.36 17.78
N PHE B 185 12.25 6.96 16.90
CA PHE B 185 10.96 7.48 17.33
C PHE B 185 9.97 7.34 16.19
N VAL B 186 8.72 7.07 16.55
CA VAL B 186 7.57 7.08 15.65
C VAL B 186 6.51 7.89 16.39
N ILE B 187 6.19 9.07 15.88
CA ILE B 187 5.27 9.96 16.60
C ILE B 187 4.13 10.35 15.67
N LYS B 188 2.93 9.89 15.99
CA LYS B 188 1.75 10.31 15.25
C LYS B 188 1.56 11.81 15.43
N ILE B 189 1.35 12.51 14.33
CA ILE B 189 1.00 13.92 14.37
C ILE B 189 -0.44 14.00 13.86
N GLN B 190 -1.40 14.08 14.79
CA GLN B 190 -2.81 14.10 14.43
C GLN B 190 -3.17 15.35 13.63
N VAL B 191 -2.62 16.51 14.01
CA VAL B 191 -3.01 17.76 13.37
C VAL B 191 -1.73 18.48 12.99
N PRO B 192 -1.15 18.19 11.81
CA PRO B 192 0.24 18.61 11.56
C PRO B 192 0.42 20.05 11.12
N TYR B 193 -0.63 20.86 11.04
CA TYR B 193 -0.55 22.17 10.41
C TYR B 193 -0.77 23.32 11.38
N THR B 194 -0.86 23.03 12.67
CA THR B 194 -0.81 24.12 13.61
C THR B 194 0.60 24.70 13.64
N GLN B 195 0.69 25.97 14.02
CA GLN B 195 2.03 26.57 14.11
C GLN B 195 2.88 25.79 15.08
N LYS B 196 2.26 25.26 16.12
CA LYS B 196 3.06 24.69 17.18
C LYS B 196 3.58 23.30 16.81
N ALA B 197 2.74 22.51 16.15
CA ALA B 197 3.21 21.26 15.58
C ALA B 197 4.41 21.48 14.68
N ILE B 198 4.28 22.39 13.70
CA ILE B 198 5.40 22.64 12.79
C ILE B 198 6.63 23.09 13.57
N ALA B 199 6.45 24.02 14.51
CA ALA B 199 7.59 24.46 15.31
C ALA B 199 8.16 23.30 16.11
N LEU B 200 7.30 22.46 16.68
CA LEU B 200 7.79 21.32 17.46
C LEU B 200 8.54 20.34 16.58
N LEU B 201 8.03 20.09 15.38
CA LEU B 201 8.71 19.17 14.48
C LEU B 201 10.08 19.70 14.06
N GLU B 202 10.18 20.99 13.75
CA GLU B 202 11.48 21.55 13.40
C GLU B 202 12.43 21.51 14.58
N LYS B 203 11.93 21.85 15.78
CA LYS B 203 12.81 21.76 16.94
C LYS B 203 13.33 20.34 17.13
N TRP B 204 12.47 19.33 16.97
CA TRP B 204 12.97 17.97 17.20
C TRP B 204 14.03 17.58 16.18
N GLN B 205 13.90 18.05 14.93
CA GLN B 205 14.92 17.79 13.92
C GLN B 205 16.27 18.37 14.33
N VAL B 206 16.28 19.59 14.87
CA VAL B 206 17.53 20.18 15.35
C VAL B 206 18.08 19.35 16.50
N LYS B 207 17.24 19.05 17.50
CA LYS B 207 17.68 18.27 18.65
C LYS B 207 18.31 16.96 18.23
N THR B 208 17.61 16.17 17.41
CA THR B 208 18.08 14.82 17.14
C THR B 208 18.87 14.71 15.84
N GLY B 209 18.85 15.73 15.00
CA GLY B 209 19.54 15.66 13.74
C GLY B 209 18.90 14.75 12.69
N LYS B 210 17.67 14.27 12.91
CA LYS B 210 17.00 13.38 11.97
C LYS B 210 15.53 13.77 11.87
N GLY B 211 14.76 12.94 11.17
CA GLY B 211 13.33 13.14 11.28
C GLY B 211 12.73 13.49 9.93
N ARG B 212 11.73 12.70 9.55
CA ARG B 212 10.97 12.93 8.34
C ARG B 212 9.50 12.79 8.65
N LEU B 213 8.70 13.72 8.15
CA LEU B 213 7.27 13.70 8.36
C LEU B 213 6.63 13.08 7.13
N VAL B 214 5.84 12.03 7.33
CA VAL B 214 5.33 11.25 6.22
C VAL B 214 3.82 11.07 6.37
N ARG B 215 3.15 10.89 5.23
CA ARG B 215 1.72 10.57 5.18
C ARG B 215 1.58 9.17 4.58
N LEU B 216 1.08 8.22 5.37
CA LEU B 216 0.86 6.87 4.88
C LEU B 216 -0.15 6.87 3.74
N ALA B 217 0.22 6.26 2.63
CA ALA B 217 -0.81 6.02 1.61
C ALA B 217 -1.80 4.97 2.12
N GLY B 218 -3.03 5.10 1.65
CA GLY B 218 -4.06 4.25 2.21
C GLY B 218 -4.48 4.57 3.62
N ASP B 219 -4.03 5.70 4.19
CA ASP B 219 -4.72 6.22 5.36
C ASP B 219 -6.04 6.85 4.94
N ARG B 220 -6.95 6.99 5.91
CA ARG B 220 -8.28 7.51 5.60
C ARG B 220 -8.20 9.00 5.28
N LEU B 221 -8.79 9.41 4.15
CA LEU B 221 -8.89 10.83 3.84
C LEU B 221 -9.69 11.60 4.86
N SER B 222 -10.48 10.91 5.68
CA SER B 222 -11.28 11.54 6.71
C SER B 222 -10.45 12.17 7.80
N ASN B 223 -9.13 11.92 7.83
CA ASN B 223 -8.28 12.57 8.81
C ASN B 223 -7.05 13.12 8.12
N THR B 224 -6.18 13.71 8.93
CA THR B 224 -5.04 14.47 8.47
C THR B 224 -3.75 13.95 9.14
N VAL B 225 -3.78 12.68 9.53
CA VAL B 225 -2.69 12.11 10.31
C VAL B 225 -1.43 12.02 9.47
N MET B 226 -0.31 12.37 10.08
CA MET B 226 1.02 12.13 9.55
C MET B 226 1.87 11.54 10.66
N TYR B 227 2.98 10.91 10.27
CA TYR B 227 3.90 10.34 11.25
C TYR B 227 5.29 10.95 11.06
N PHE B 228 5.88 11.35 12.18
CA PHE B 228 7.25 11.80 12.26
C PHE B 228 8.10 10.61 12.64
N LEU B 229 9.06 10.25 11.76
CA LEU B 229 9.89 9.07 11.91
C LEU B 229 11.35 9.46 12.00
N SER B 230 12.13 8.62 12.67
CA SER B 230 13.56 8.88 12.90
C SER B 230 14.43 8.36 11.78
N VAL B 231 14.08 8.65 10.52
CA VAL B 231 14.95 8.38 9.37
C VAL B 231 15.77 9.62 9.05
N ARG B 232 16.42 9.62 7.88
CA ARG B 232 17.28 10.75 7.52
C ARG B 232 16.48 12.04 7.47
N LEU B 233 17.12 13.14 7.86
CA LEU B 233 16.49 14.45 7.86
C LEU B 233 15.78 14.73 6.54
N GLU B 234 14.55 15.24 6.64
CA GLU B 234 13.87 15.84 5.50
C GLU B 234 13.30 17.16 6.00
N THR B 235 13.83 18.26 5.50
CA THR B 235 13.52 19.56 6.04
C THR B 235 12.38 20.18 5.24
N GLN B 236 12.15 21.48 5.45
CA GLN B 236 11.05 22.19 4.83
C GLN B 236 9.71 21.56 5.20
N ILE B 237 9.58 21.22 6.49
CA ILE B 237 8.35 20.56 6.93
C ILE B 237 7.13 21.44 6.69
N ARG B 238 7.27 22.74 6.93
CA ARG B 238 6.13 23.64 6.72
C ARG B 238 5.62 23.53 5.29
N GLY B 239 6.54 23.59 4.32
CA GLY B 239 6.11 23.50 2.93
C GLY B 239 5.54 22.14 2.58
N ARG B 240 6.03 21.08 3.22
CA ARG B 240 5.55 19.75 2.90
C ARG B 240 4.17 19.48 3.52
N VAL B 241 3.89 20.02 4.70
CA VAL B 241 2.51 19.98 5.21
C VAL B 241 1.59 20.72 4.26
N THR B 242 2.01 21.89 3.77
CA THR B 242 1.19 22.69 2.86
C THR B 242 0.79 21.87 1.64
N THR B 243 1.78 21.18 1.02
CA THR B 243 1.48 20.28 -0.08
C THR B 243 0.49 19.20 0.34
N PHE B 244 0.74 18.57 1.48
CA PHE B 244 -0.15 17.50 1.94
C PHE B 244 -1.58 18.01 2.09
N VAL B 245 -1.76 19.12 2.78
CA VAL B 245 -3.10 19.64 3.04
C VAL B 245 -3.77 20.13 1.75
N ARG B 246 -3.00 20.63 0.79
CA ARG B 246 -3.62 21.04 -0.46
C ARG B 246 -4.11 19.84 -1.25
N GLU B 247 -3.25 18.84 -1.43
CA GLU B 247 -3.64 17.62 -2.12
C GLU B 247 -4.73 16.85 -1.37
N LEU B 248 -4.62 16.76 -0.04
CA LEU B 248 -5.68 16.10 0.74
C LEU B 248 -7.04 16.69 0.40
N ALA B 249 -7.11 18.02 0.33
CA ALA B 249 -8.37 18.70 0.02
C ALA B 249 -8.84 18.37 -1.39
N GLU B 250 -7.91 18.33 -2.34
CA GLU B 250 -8.29 18.01 -3.72
C GLU B 250 -8.87 16.59 -3.81
N ARG B 251 -8.22 15.63 -3.15
CA ARG B 251 -8.69 14.25 -3.23
C ARG B 251 -9.99 14.03 -2.42
N ARG B 252 -10.17 14.74 -1.31
CA ARG B 252 -11.45 14.68 -0.60
C ARG B 252 -12.58 15.20 -1.47
N LYS B 253 -12.35 16.32 -2.16
CA LYS B 253 -13.36 16.86 -3.06
C LYS B 253 -13.69 15.86 -4.16
N ASP B 254 -12.66 15.17 -4.67
CA ASP B 254 -12.84 14.28 -5.80
C ASP B 254 -13.61 13.03 -5.41
N ARG B 255 -13.22 12.37 -4.32
CA ARG B 255 -13.89 11.13 -4.02
C ARG B 255 -15.25 11.34 -3.37
N SER B 256 -15.58 12.58 -2.98
CA SER B 256 -16.89 12.87 -2.39
C SER B 256 -17.91 13.32 -3.42
N LEU B 257 -17.47 13.90 -4.52
CA LEU B 257 -18.34 14.28 -5.62
C LEU B 257 -18.27 13.24 -6.73
N THR B 258 -19.42 12.92 -7.31
CA THR B 258 -19.51 12.11 -8.50
C THR B 258 -19.92 13.02 -9.66
N ALA B 259 -19.12 13.08 -10.71
CA ALA B 259 -19.28 14.07 -11.75
C ALA B 259 -19.88 13.46 -13.01
N ASP B 260 -20.61 14.29 -13.77
CA ASP B 260 -21.20 13.90 -15.05
C ASP B 260 -21.52 15.13 -15.88
#